data_7A0D
#
_entry.id   7A0D
#
_cell.length_a   58.672
_cell.length_b   102.374
_cell.length_c   142.735
_cell.angle_alpha   90.000
_cell.angle_beta   90.000
_cell.angle_gamma   90.000
#
_symmetry.space_group_name_H-M   'C 2 2 21'
#
loop_
_entity.id
_entity.type
_entity.pdbx_description
1 polymer Prothrombin
2 polymer 'Hirudin variant-1'
3 polymer Prothrombin
4 branched 2-acetamido-2-deoxy-beta-D-glucopyranose-(1-4)-2-acetamido-2-deoxy-beta-D-glucopyranose
5 non-polymer 'SODIUM ION'
6 water water
#
loop_
_entity_poly.entity_id
_entity_poly.type
_entity_poly.pdbx_seq_one_letter_code
_entity_poly.pdbx_strand_id
1 'polypeptide(L)'
;IVEGQDAEVGLSPWQVMLFRKSPQELLCGASLISDRWVLTAAHCLLYPPWDKNFTVDDLLVRIGKHSRTRYERKVEKISM
LDKIYIHPRYNWKENLDRDIALLKLKRPIELSDYIHPVCLPDKQTAAKLLHAGFKGRVTGWGNRRETWTTSVAEVQPSVL
QVVNLPLVERPVCKASTRIRITDNMFCAGYKPGEGKRGDACEGDSGGPFVMKSPYNNRWYQMGIVSWGEGCDRDGKYGFY
THVFRLKKWIQKVIDRLGS
;
HHH
2 'polypeptide(L)' VVYTDCTESGQNLCLUEGSNVCGQGNKUILGSDGEKNQCVTGEGTPKPQSHNDGDFEEIPEEYLQ III
3 'polypeptide(L)' TSEDHFQPFFNEKTFGAGEADCGLRPLFEKKQVQDQTEKELFESYIEGR LLL
#
loop_
_chem_comp.id
_chem_comp.type
_chem_comp.name
_chem_comp.formula
NA non-polymer 'SODIUM ION' 'Na 1'
NAG D-saccharide, beta linking 2-acetamido-2-deoxy-beta-D-glucopyranose 'C8 H15 N O6'
#
# COMPACT_ATOMS: atom_id res chain seq x y z
N ILE A 1 -1.95 1.56 9.30
CA ILE A 1 -2.19 3.04 9.08
C ILE A 1 -2.01 3.76 10.42
N VAL A 2 -1.17 4.81 10.43
CA VAL A 2 -0.90 5.59 11.64
C VAL A 2 -1.78 6.81 11.61
N GLU A 3 -2.44 7.06 12.77
CA GLU A 3 -3.28 8.23 12.94
C GLU A 3 -4.51 8.18 12.06
N GLY A 4 -4.97 6.96 11.80
CA GLY A 4 -6.15 6.82 10.97
C GLY A 4 -7.41 6.60 11.80
N GLN A 5 -8.47 6.23 11.10
CA GLN A 5 -9.63 5.83 11.88
CA GLN A 5 -9.81 6.03 11.64
C GLN A 5 -10.33 4.66 11.18
N ASP A 6 -11.28 4.10 11.92
CA ASP A 6 -12.02 2.97 11.39
C ASP A 6 -12.83 3.39 10.17
N ALA A 7 -12.65 2.64 9.08
CA ALA A 7 -13.41 2.88 7.87
C ALA A 7 -14.88 2.52 8.05
N GLU A 8 -15.74 3.34 7.46
CA GLU A 8 -17.15 2.95 7.37
C GLU A 8 -17.29 1.65 6.57
N VAL A 9 -18.35 0.88 6.84
CA VAL A 9 -18.69 -0.25 5.96
C VAL A 9 -18.83 0.21 4.50
N GLY A 10 -18.18 -0.54 3.59
CA GLY A 10 -18.35 -0.23 2.17
C GLY A 10 -17.56 1.00 1.69
N LEU A 11 -16.69 1.55 2.57
CA LEU A 11 -15.93 2.76 2.20
C LEU A 11 -14.98 2.50 1.01
N SER A 12 -14.33 1.33 1.04
CA SER A 12 -13.23 1.01 0.12
C SER A 12 -13.49 -0.37 -0.46
N PRO A 13 -14.55 -0.53 -1.32
CA PRO A 13 -14.96 -1.88 -1.71
C PRO A 13 -13.95 -2.51 -2.69
N TRP A 14 -12.92 -1.75 -3.12
CA TRP A 14 -11.83 -2.26 -3.94
C TRP A 14 -10.68 -2.78 -3.06
N GLN A 15 -10.82 -2.67 -1.73
CA GLN A 15 -9.69 -3.07 -0.89
C GLN A 15 -9.46 -4.58 -0.98
N VAL A 16 -8.18 -4.97 -1.08
CA VAL A 16 -7.84 -6.38 -1.14
C VAL A 16 -6.76 -6.64 -0.09
N MET A 17 -6.86 -7.80 0.56
CA MET A 17 -5.79 -8.24 1.47
C MET A 17 -5.00 -9.38 0.80
N LEU A 18 -3.66 -9.25 0.71
CA LEU A 18 -2.90 -10.39 0.19
C LEU A 18 -2.42 -11.22 1.38
N PHE A 19 -2.65 -12.54 1.35
CA PHE A 19 -2.32 -13.42 2.47
C PHE A 19 -1.37 -14.52 2.02
N ARG A 20 -0.42 -14.83 2.90
CA ARG A 20 0.30 -16.08 2.75
C ARG A 20 -0.68 -17.21 3.12
N LYS A 21 -0.61 -18.33 2.38
CA LYS A 21 -1.58 -19.40 2.54
C LYS A 21 -1.24 -20.22 3.79
N SER A 22 0.05 -20.46 4.02
CA SER A 22 0.45 -21.31 5.13
C SER A 22 1.85 -20.94 5.62
N PRO A 23 2.03 -20.42 6.86
CA PRO A 23 0.92 -20.13 7.79
C PRO A 23 0.08 -18.96 7.26
N GLN A 24 -1.17 -18.86 7.70
CA GLN A 24 -2.08 -17.82 7.21
C GLN A 24 -1.70 -16.50 7.86
N GLU A 25 -1.14 -15.56 7.09
CA GLU A 25 -0.84 -14.28 7.71
C GLU A 25 -0.96 -13.16 6.67
N LEU A 26 -1.25 -11.96 7.12
CA LEU A 26 -1.36 -10.84 6.19
C LEU A 26 0.02 -10.48 5.69
N LEU A 27 0.15 -10.36 4.37
CA LEU A 27 1.39 -9.88 3.78
C LEU A 27 1.32 -8.40 3.36
N CYS A 28 0.22 -7.97 2.73
CA CYS A 28 0.26 -6.68 2.03
C CYS A 28 -1.18 -6.29 1.73
N GLY A 29 -1.35 -5.03 1.37
CA GLY A 29 -2.60 -4.59 0.78
C GLY A 29 -2.54 -4.75 -0.75
N ALA A 30 -3.69 -4.49 -1.41
CA ALA A 30 -3.81 -4.61 -2.86
C ALA A 30 -5.15 -3.99 -3.20
N SER A 31 -5.49 -3.95 -4.51
CA SER A 31 -6.77 -3.29 -4.85
C SER A 31 -7.40 -4.04 -6.02
N LEU A 32 -8.71 -3.97 -6.11
CA LEU A 32 -9.42 -4.65 -7.18
C LEU A 32 -9.65 -3.65 -8.31
N ILE A 33 -9.21 -3.99 -9.54
CA ILE A 33 -9.36 -3.06 -10.66
C ILE A 33 -10.35 -3.64 -11.70
N SER A 34 -10.79 -4.88 -11.51
CA SER A 34 -11.88 -5.40 -12.33
C SER A 34 -12.42 -6.66 -11.64
N ASP A 35 -13.35 -7.38 -12.27
CA ASP A 35 -13.78 -8.62 -11.65
C ASP A 35 -12.72 -9.73 -11.64
N ARG A 36 -11.53 -9.53 -12.22
CA ARG A 36 -10.55 -10.61 -12.27
C ARG A 36 -9.11 -10.11 -12.18
N TRP A 37 -8.88 -8.82 -11.93
CA TRP A 37 -7.51 -8.30 -11.83
C TRP A 37 -7.29 -7.54 -10.51
N VAL A 38 -6.13 -7.78 -9.88
CA VAL A 38 -5.77 -7.13 -8.60
C VAL A 38 -4.43 -6.44 -8.82
N LEU A 39 -4.30 -5.19 -8.30
CA LEU A 39 -3.06 -4.42 -8.41
C LEU A 39 -2.38 -4.29 -7.07
N THR A 40 -1.03 -4.43 -7.04
CA THR A 40 -0.32 -4.41 -5.75
C THR A 40 1.08 -3.91 -6.05
N ALA A 41 1.94 -3.90 -5.02
CA ALA A 41 3.34 -3.55 -5.23
C ALA A 41 4.14 -4.80 -5.58
N ALA A 42 5.11 -4.58 -6.48
CA ALA A 42 6.04 -5.67 -6.82
C ALA A 42 6.75 -6.21 -5.59
N HIS A 43 7.11 -5.34 -4.62
CA HIS A 43 7.92 -5.83 -3.50
C HIS A 43 7.12 -6.73 -2.57
N CYS A 44 5.78 -6.76 -2.71
CA CYS A 44 4.98 -7.69 -1.94
C CYS A 44 5.14 -9.13 -2.46
N LEU A 45 5.61 -9.30 -3.69
CA LEU A 45 5.75 -10.60 -4.34
C LEU A 45 7.22 -10.96 -4.50
N LEU A 46 8.08 -9.99 -4.79
CA LEU A 46 9.48 -10.29 -5.08
C LEU A 46 10.36 -9.29 -4.32
N TYR A 47 11.16 -9.80 -3.37
CA TYR A 47 12.01 -8.89 -2.61
C TYR A 47 13.23 -9.69 -2.16
N PRO A 48 14.27 -9.80 -3.01
CA PRO A 48 15.43 -10.65 -2.71
C PRO A 48 16.14 -10.44 -1.36
N PRO A 49 16.17 -9.22 -0.78
CA PRO A 49 16.71 -9.05 0.57
C PRO A 49 16.07 -9.90 1.65
N TRP A 50 14.81 -10.33 1.42
CA TRP A 50 14.16 -11.21 2.36
C TRP A 50 13.98 -12.60 1.75
N ASP A 51 14.69 -12.87 0.65
CA ASP A 51 14.57 -14.16 -0.04
C ASP A 51 13.09 -14.42 -0.36
N LYS A 52 12.35 -13.33 -0.67
CA LYS A 52 10.92 -13.43 -1.01
C LYS A 52 10.76 -13.52 -2.53
N ASN A 53 10.05 -14.58 -3.00
CA ASN A 53 9.77 -14.70 -4.42
C ASN A 53 8.59 -15.66 -4.52
N PHE A 54 7.40 -15.13 -4.27
CA PHE A 54 6.22 -15.97 -4.18
C PHE A 54 5.76 -16.52 -5.53
N THR A 55 5.18 -17.73 -5.45
CA THR A 55 4.42 -18.28 -6.57
C THR A 55 2.94 -18.19 -6.24
N VAL A 56 2.09 -18.43 -7.24
CA VAL A 56 0.64 -18.39 -7.03
C VAL A 56 0.22 -19.39 -5.97
N ASP A 57 0.97 -20.48 -5.81
CA ASP A 57 0.53 -21.51 -4.88
C ASP A 57 0.68 -21.05 -3.43
N ASP A 58 1.46 -20.00 -3.22
CA ASP A 58 1.82 -19.56 -1.88
C ASP A 58 0.81 -18.59 -1.29
N LEU A 59 -0.15 -18.10 -2.10
CA LEU A 59 -0.91 -16.89 -1.76
C LEU A 59 -2.42 -17.08 -1.89
N LEU A 60 -3.16 -16.24 -1.18
CA LEU A 60 -4.58 -16.06 -1.37
C LEU A 60 -4.88 -14.57 -1.27
N VAL A 61 -6.01 -14.14 -1.85
CA VAL A 61 -6.45 -12.78 -1.58
C VAL A 61 -7.80 -12.82 -0.88
N ARG A 62 -8.11 -11.78 -0.08
CA ARG A 62 -9.42 -11.65 0.53
C ARG A 62 -9.98 -10.29 0.13
N ILE A 63 -11.26 -10.28 -0.31
CA ILE A 63 -11.90 -9.09 -0.86
C ILE A 63 -13.24 -8.97 -0.13
N GLY A 64 -13.62 -7.74 0.21
CA GLY A 64 -14.93 -7.50 0.80
C GLY A 64 -14.86 -7.43 2.33
N LYS A 65 -13.66 -7.40 2.89
CA LYS A 65 -13.47 -7.62 4.33
C LYS A 65 -13.48 -6.28 5.09
N HIS A 66 -14.14 -6.29 6.26
CA HIS A 66 -14.27 -5.03 6.99
C HIS A 66 -13.59 -5.12 8.36
N SER A 67 -13.68 -6.30 9.02
CA SER A 67 -13.32 -6.44 10.43
C SER A 67 -13.00 -7.89 10.81
N ARG A 68 -12.15 -8.03 11.85
CA ARG A 68 -11.75 -9.32 12.41
C ARG A 68 -12.88 -9.83 13.31
N THR A 69 -13.21 -11.11 13.15
CA THR A 69 -14.20 -11.77 14.00
C THR A 69 -13.69 -11.79 15.44
N ARG A 70 -14.56 -11.46 16.40
CA ARG A 70 -14.20 -11.33 17.80
C ARG A 70 -15.28 -11.97 18.64
N ARG A 73 -19.76 -11.80 7.12
CA ARG A 73 -19.66 -13.29 7.15
C ARG A 73 -19.78 -13.81 5.73
N LYS A 74 -20.99 -13.69 5.16
CA LYS A 74 -21.32 -14.13 3.81
C LYS A 74 -20.78 -13.12 2.80
N VAL A 75 -19.95 -12.19 3.30
CA VAL A 75 -19.72 -10.90 2.69
C VAL A 75 -18.30 -10.80 2.11
N GLU A 76 -17.35 -11.60 2.63
CA GLU A 76 -16.03 -11.54 2.03
C GLU A 76 -15.87 -12.64 0.97
N LYS A 77 -14.94 -12.44 0.06
CA LYS A 77 -14.59 -13.46 -0.92
C LYS A 77 -13.13 -13.81 -0.73
N ILE A 78 -12.83 -15.11 -0.66
CA ILE A 78 -11.45 -15.60 -0.71
C ILE A 78 -11.16 -16.15 -2.10
N SER A 79 -10.11 -15.66 -2.75
CA SER A 79 -9.76 -16.13 -4.08
CA SER A 79 -9.77 -16.14 -4.08
C SER A 79 -8.33 -16.63 -4.14
N MET A 80 -8.11 -17.66 -4.98
CA MET A 80 -6.78 -18.08 -5.39
C MET A 80 -6.35 -17.25 -6.60
N LEU A 81 -5.06 -17.32 -6.92
CA LEU A 81 -4.52 -16.56 -8.03
C LEU A 81 -4.18 -17.53 -9.18
N ASP A 82 -4.35 -17.03 -10.40
CA ASP A 82 -3.96 -17.77 -11.60
C ASP A 82 -2.55 -17.42 -12.04
N LYS A 83 -2.15 -16.13 -11.98
CA LYS A 83 -0.87 -15.73 -12.50
C LYS A 83 -0.38 -14.44 -11.81
N ILE A 84 0.94 -14.27 -11.69
CA ILE A 84 1.55 -13.06 -11.16
C ILE A 84 2.31 -12.36 -12.28
N TYR A 85 2.19 -11.04 -12.38
CA TYR A 85 2.96 -10.26 -13.34
C TYR A 85 3.69 -9.14 -12.63
N ILE A 86 5.02 -9.14 -12.67
CA ILE A 86 5.79 -8.06 -12.08
C ILE A 86 6.34 -7.16 -13.18
N HIS A 87 6.34 -5.83 -12.96
CA HIS A 87 6.83 -4.93 -14.01
C HIS A 87 8.22 -5.38 -14.44
N PRO A 88 8.49 -5.47 -15.78
CA PRO A 88 9.78 -5.90 -16.30
C PRO A 88 10.98 -5.06 -15.86
N ARG A 89 10.76 -3.79 -15.46
CA ARG A 89 11.87 -2.95 -15.05
C ARG A 89 11.77 -2.58 -13.57
N TYR A 90 11.09 -3.43 -12.80
CA TYR A 90 11.12 -3.21 -11.36
C TYR A 90 12.54 -3.40 -10.86
N ASN A 91 12.98 -2.43 -10.08
CA ASN A 91 14.37 -2.34 -9.72
C ASN A 91 14.41 -2.28 -8.20
N TRP A 92 14.50 -3.45 -7.54
CA TRP A 92 14.53 -3.49 -6.09
C TRP A 92 15.87 -2.98 -5.53
N LYS A 93 16.93 -3.03 -6.33
CA LYS A 93 18.17 -2.38 -5.91
C LYS A 93 18.04 -0.84 -5.96
N GLU A 94 17.28 -0.29 -6.92
CA GLU A 94 17.11 1.15 -7.09
C GLU A 94 15.95 1.73 -6.25
N ASN A 95 15.98 1.38 -4.96
CA ASN A 95 14.92 1.65 -4.00
C ASN A 95 13.50 1.51 -4.59
N LEU A 96 13.22 0.34 -5.15
CA LEU A 96 11.88 -0.09 -5.52
C LEU A 96 11.35 0.79 -6.66
N ASP A 97 12.20 1.21 -7.59
CA ASP A 97 11.68 1.90 -8.75
C ASP A 97 10.78 0.95 -9.54
N ARG A 98 9.62 1.48 -9.98
CA ARG A 98 8.59 0.76 -10.75
C ARG A 98 7.96 -0.36 -9.93
N ASP A 99 7.53 0.00 -8.71
CA ASP A 99 7.15 -0.99 -7.73
C ASP A 99 5.66 -1.35 -7.95
N ILE A 100 5.40 -2.22 -8.95
CA ILE A 100 4.02 -2.49 -9.34
C ILE A 100 3.93 -3.93 -9.86
N ALA A 101 2.81 -4.59 -9.58
CA ALA A 101 2.55 -5.97 -9.96
C ALA A 101 1.05 -6.12 -10.18
N LEU A 102 0.68 -7.06 -11.06
CA LEU A 102 -0.73 -7.40 -11.26
C LEU A 102 -0.94 -8.87 -10.92
N LEU A 103 -2.07 -9.19 -10.30
CA LEU A 103 -2.38 -10.57 -9.98
C LEU A 103 -3.68 -10.91 -10.71
N LYS A 104 -3.66 -12.01 -11.44
CA LYS A 104 -4.88 -12.46 -12.12
C LYS A 104 -5.59 -13.47 -11.21
N LEU A 105 -6.87 -13.25 -10.93
CA LEU A 105 -7.67 -14.10 -10.07
C LEU A 105 -7.98 -15.40 -10.81
N LYS A 106 -8.14 -16.48 -10.04
CA LYS A 106 -8.29 -17.80 -10.64
C LYS A 106 -9.58 -17.81 -11.46
N ARG A 107 -10.62 -17.17 -10.92
CA ARG A 107 -11.94 -17.09 -11.53
C ARG A 107 -12.47 -15.68 -11.32
N PRO A 108 -13.28 -15.15 -12.25
CA PRO A 108 -13.91 -13.84 -12.09
C PRO A 108 -14.88 -13.86 -10.92
N ILE A 109 -14.87 -12.77 -10.13
CA ILE A 109 -15.70 -12.75 -8.93
C ILE A 109 -16.95 -11.90 -9.16
N GLU A 110 -17.99 -12.21 -8.39
CA GLU A 110 -19.19 -11.40 -8.38
C GLU A 110 -18.90 -10.13 -7.59
N LEU A 111 -19.47 -9.03 -8.07
CA LEU A 111 -19.44 -7.76 -7.36
C LEU A 111 -20.60 -7.68 -6.38
N SER A 112 -20.45 -6.81 -5.38
CA SER A 112 -21.47 -6.70 -4.35
C SER A 112 -21.40 -5.31 -3.72
N ASP A 113 -22.19 -5.09 -2.68
CA ASP A 113 -22.16 -3.79 -2.01
C ASP A 113 -20.77 -3.56 -1.42
N TYR A 114 -20.01 -4.65 -1.18
CA TYR A 114 -18.74 -4.60 -0.45
C TYR A 114 -17.53 -4.86 -1.35
N ILE A 115 -17.79 -5.23 -2.61
CA ILE A 115 -16.77 -5.66 -3.55
C ILE A 115 -17.04 -4.94 -4.86
N HIS A 116 -16.13 -4.03 -5.25
CA HIS A 116 -16.34 -3.22 -6.42
C HIS A 116 -15.02 -2.57 -6.85
N PRO A 117 -14.71 -2.55 -8.16
CA PRO A 117 -13.39 -2.09 -8.59
C PRO A 117 -13.22 -0.57 -8.56
N VAL A 118 -11.96 -0.15 -8.40
CA VAL A 118 -11.60 1.26 -8.48
C VAL A 118 -11.26 1.57 -9.93
N CYS A 119 -11.25 2.87 -10.29
CA CYS A 119 -10.83 3.23 -11.63
C CYS A 119 -9.34 3.51 -11.68
N LEU A 120 -8.74 3.27 -12.85
CA LEU A 120 -7.35 3.68 -13.05
C LEU A 120 -7.34 5.01 -13.79
N PRO A 121 -6.41 5.93 -13.47
CA PRO A 121 -6.42 7.24 -14.08
C PRO A 121 -5.98 7.20 -15.55
N ASP A 122 -6.50 8.19 -16.29
CA ASP A 122 -5.98 8.51 -17.61
C ASP A 122 -5.25 9.84 -17.56
N LYS A 123 -4.75 10.28 -18.72
CA LYS A 123 -4.01 11.51 -18.85
C LYS A 123 -4.74 12.67 -18.18
N GLN A 124 -6.05 12.82 -18.44
CA GLN A 124 -6.80 13.96 -17.91
C GLN A 124 -6.93 13.87 -16.38
N THR A 125 -7.15 12.66 -15.86
CA THR A 125 -7.31 12.48 -14.43
C THR A 125 -6.03 12.91 -13.72
N ALA A 126 -4.89 12.49 -14.25
CA ALA A 126 -3.62 12.82 -13.66
C ALA A 126 -3.39 14.34 -13.72
N ALA A 127 -3.78 14.94 -14.85
CA ALA A 127 -3.59 16.38 -15.02
C ALA A 127 -4.43 17.14 -13.98
N LYS A 128 -5.69 16.71 -13.77
CA LYS A 128 -6.63 17.37 -12.87
C LYS A 128 -6.28 17.16 -11.40
N LEU A 129 -5.80 15.96 -11.02
CA LEU A 129 -5.80 15.65 -9.58
C LEU A 129 -4.40 15.71 -8.95
N LEU A 130 -3.35 15.56 -9.75
CA LEU A 130 -2.03 15.46 -9.13
C LEU A 130 -1.43 16.86 -8.99
N HIS A 131 -1.78 17.52 -7.89
CA HIS A 131 -1.23 18.82 -7.53
C HIS A 131 -0.87 18.79 -6.04
N ALA A 132 0.26 19.44 -5.67
CA ALA A 132 0.66 19.51 -4.27
C ALA A 132 -0.45 20.14 -3.45
N GLY A 133 -0.72 19.54 -2.29
CA GLY A 133 -1.77 20.00 -1.42
C GLY A 133 -3.14 19.34 -1.61
N PHE A 134 -3.39 18.76 -2.80
CA PHE A 134 -4.61 18.00 -2.94
C PHE A 134 -4.49 16.71 -2.12
N LYS A 135 -5.57 16.31 -1.43
CA LYS A 135 -5.50 15.16 -0.54
C LYS A 135 -6.06 13.93 -1.27
N GLY A 136 -5.40 12.81 -0.97
CA GLY A 136 -5.92 11.51 -1.35
C GLY A 136 -6.08 10.68 -0.09
N ARG A 137 -6.39 9.40 -0.26
CA ARG A 137 -6.84 8.58 0.85
C ARG A 137 -6.10 7.24 0.76
N VAL A 138 -5.53 6.84 1.91
CA VAL A 138 -4.81 5.55 1.99
C VAL A 138 -5.60 4.67 2.96
N THR A 139 -5.69 3.36 2.68
CA THR A 139 -6.46 2.46 3.52
C THR A 139 -5.64 1.20 3.74
N GLY A 140 -5.81 0.55 4.91
CA GLY A 140 -5.11 -0.72 5.08
C GLY A 140 -5.29 -1.32 6.46
N TRP A 141 -4.72 -2.54 6.58
CA TRP A 141 -4.83 -3.37 7.78
C TRP A 141 -3.51 -3.42 8.55
N GLY A 142 -2.59 -2.52 8.21
CA GLY A 142 -1.23 -2.53 8.77
C GLY A 142 -1.18 -1.92 10.18
N ASN A 143 0.04 -1.87 10.72
CA ASN A 143 0.23 -1.40 12.09
C ASN A 143 -0.22 0.05 12.26
N ARG A 144 -0.74 0.32 13.49
CA ARG A 144 -1.19 1.66 13.86
CA ARG A 144 -1.20 1.64 13.89
C ARG A 144 -0.04 2.51 14.41
N ARG A 145 1.12 1.90 14.68
CA ARG A 145 2.29 2.71 15.03
C ARG A 145 3.52 1.95 14.57
N GLU A 146 4.62 2.71 14.36
CA GLU A 146 5.88 2.13 13.90
C GLU A 146 6.46 1.16 14.90
N THR A 147 6.38 1.53 16.21
CA THR A 147 6.99 0.73 17.25
C THR A 147 5.96 0.38 18.31
N TRP A 148 6.33 -0.60 19.14
CA TRP A 148 5.50 -0.96 20.28
C TRP A 148 6.38 -1.25 21.48
N THR A 149 5.76 -1.28 22.66
CA THR A 149 6.48 -1.57 23.91
C THR A 149 6.59 -3.07 24.11
N THR A 150 5.47 -3.78 24.11
CA THR A 150 5.46 -5.19 24.50
C THR A 150 5.30 -6.13 23.30
N SER A 151 4.17 -6.05 22.59
CA SER A 151 4.05 -6.92 21.43
CA SER A 151 3.73 -6.98 21.55
C SER A 151 3.37 -6.21 20.26
N VAL A 152 3.64 -6.74 19.07
CA VAL A 152 3.13 -6.14 17.83
C VAL A 152 1.61 -6.17 17.82
N ALA A 153 1.01 -7.14 18.53
CA ALA A 153 -0.44 -7.20 18.58
C ALA A 153 -1.02 -5.92 19.15
N GLU A 154 -0.20 -5.18 19.91
CA GLU A 154 -0.56 -3.89 20.45
C GLU A 154 -1.05 -2.94 19.36
N VAL A 155 -0.46 -3.02 18.15
CA VAL A 155 -0.66 -1.98 17.15
C VAL A 155 -1.53 -2.50 15.98
N GLN A 156 -2.13 -3.68 16.11
CA GLN A 156 -2.89 -4.30 15.02
C GLN A 156 -4.34 -3.81 15.12
N PRO A 157 -4.96 -3.38 14.00
CA PRO A 157 -6.35 -2.90 14.06
C PRO A 157 -7.38 -4.00 13.89
N SER A 158 -8.57 -3.81 14.53
CA SER A 158 -9.66 -4.76 14.38
C SER A 158 -10.47 -4.51 13.10
N VAL A 159 -10.41 -3.28 12.54
CA VAL A 159 -11.23 -2.91 11.38
C VAL A 159 -10.31 -2.20 10.37
N LEU A 160 -10.66 -2.25 9.09
CA LEU A 160 -9.89 -1.54 8.09
C LEU A 160 -9.72 -0.07 8.52
N GLN A 161 -8.49 0.46 8.38
CA GLN A 161 -8.23 1.84 8.76
C GLN A 161 -8.09 2.72 7.51
N VAL A 162 -8.43 4.03 7.66
CA VAL A 162 -8.33 4.97 6.56
C VAL A 162 -7.68 6.26 7.08
N VAL A 163 -6.88 6.91 6.23
CA VAL A 163 -6.38 8.25 6.55
C VAL A 163 -6.33 9.07 5.26
N ASN A 164 -6.65 10.38 5.35
CA ASN A 164 -6.49 11.23 4.18
C ASN A 164 -5.19 12.03 4.31
N LEU A 165 -4.43 12.16 3.20
CA LEU A 165 -3.09 12.75 3.30
C LEU A 165 -2.88 13.62 2.06
N PRO A 166 -2.21 14.79 2.19
CA PRO A 166 -1.95 15.63 1.02
C PRO A 166 -0.75 15.22 0.16
N LEU A 167 -0.86 15.36 -1.15
CA LEU A 167 0.30 15.29 -2.04
C LEU A 167 1.31 16.38 -1.65
N VAL A 168 2.58 16.04 -1.75
CA VAL A 168 3.66 16.94 -1.36
C VAL A 168 4.45 17.33 -2.60
N GLU A 169 4.89 18.61 -2.68
CA GLU A 169 5.70 19.07 -3.79
C GLU A 169 6.95 18.21 -3.96
N ARG A 170 7.35 17.95 -5.22
CA ARG A 170 8.48 17.06 -5.50
C ARG A 170 9.79 17.53 -4.85
N PRO A 171 10.15 18.83 -4.89
CA PRO A 171 11.35 19.29 -4.19
C PRO A 171 11.35 18.99 -2.69
N VAL A 172 10.18 19.07 -2.04
CA VAL A 172 10.10 18.78 -0.62
C VAL A 172 10.32 17.28 -0.40
N CYS A 173 9.64 16.44 -1.21
CA CYS A 173 9.87 15.01 -1.15
C CYS A 173 11.36 14.71 -1.25
N LYS A 174 12.05 15.33 -2.22
CA LYS A 174 13.42 14.94 -2.48
C LYS A 174 14.34 15.42 -1.34
N ALA A 175 14.02 16.57 -0.76
CA ALA A 175 14.88 17.08 0.29
C ALA A 175 14.65 16.35 1.61
N SER A 176 13.64 15.46 1.68
CA SER A 176 13.30 14.86 2.96
C SER A 176 14.08 13.57 3.20
N THR A 177 14.82 13.08 2.20
CA THR A 177 15.47 11.77 2.27
C THR A 177 16.72 11.81 1.39
N ARG A 178 17.67 10.92 1.68
CA ARG A 178 18.85 10.74 0.85
C ARG A 178 18.67 9.66 -0.22
N ILE A 179 17.51 9.00 -0.20
CA ILE A 179 17.19 8.00 -1.21
C ILE A 179 16.84 8.72 -2.51
N ARG A 180 17.28 8.17 -3.65
CA ARG A 180 17.06 8.79 -4.94
C ARG A 180 15.60 8.59 -5.33
N ILE A 181 14.86 9.69 -5.56
CA ILE A 181 13.43 9.58 -5.89
C ILE A 181 13.31 9.65 -7.40
N THR A 182 12.56 8.71 -8.01
CA THR A 182 12.39 8.77 -9.46
C THR A 182 11.01 9.35 -9.82
N ASP A 183 10.78 9.52 -11.13
CA ASP A 183 9.53 10.06 -11.62
C ASP A 183 8.43 9.00 -11.50
N ASN A 184 8.78 7.77 -11.12
CA ASN A 184 7.79 6.72 -10.97
C ASN A 184 7.27 6.63 -9.53
N MET A 185 7.61 7.62 -8.72
CA MET A 185 7.22 7.66 -7.32
C MET A 185 6.66 9.06 -7.03
N PHE A 186 5.80 9.17 -6.00
CA PHE A 186 5.46 10.46 -5.44
C PHE A 186 5.37 10.31 -3.92
N CYS A 187 5.35 11.42 -3.21
CA CYS A 187 5.20 11.31 -1.76
C CYS A 187 3.98 12.08 -1.27
N ALA A 188 3.49 11.67 -0.09
CA ALA A 188 2.36 12.34 0.54
C ALA A 188 2.52 12.33 2.04
N GLY A 189 1.83 13.26 2.71
CA GLY A 189 1.81 13.33 4.16
C GLY A 189 1.87 14.80 4.61
N TYR A 190 1.62 14.99 5.90
CA TYR A 190 1.62 16.34 6.45
C TYR A 190 3.06 16.75 6.77
N LYS A 191 3.26 18.07 6.75
CA LYS A 191 4.54 18.64 7.17
C LYS A 191 4.50 18.81 8.68
N PRO A 192 5.67 18.84 9.35
CA PRO A 192 5.66 19.05 10.80
C PRO A 192 5.02 20.41 11.11
N GLY A 193 4.14 20.43 12.11
CA GLY A 193 3.37 21.61 12.49
C GLY A 193 2.39 22.08 11.41
N GLU A 194 1.79 21.13 10.66
CA GLU A 194 0.72 21.44 9.72
C GLU A 194 -0.59 21.22 10.46
N GLY A 195 -0.49 20.64 11.67
CA GLY A 195 -1.64 20.41 12.53
C GLY A 195 -2.05 18.94 12.63
N LYS A 196 -1.88 18.17 11.55
CA LYS A 196 -2.40 16.81 11.51
C LYS A 196 -1.26 15.86 11.17
N ARG A 197 -1.52 14.56 11.30
CA ARG A 197 -0.47 13.57 11.07
C ARG A 197 -1.08 12.41 10.30
N GLY A 198 -0.29 11.35 10.10
CA GLY A 198 -0.85 10.15 9.47
C GLY A 198 0.12 9.62 8.44
N ASP A 199 0.09 8.29 8.23
CA ASP A 199 1.01 7.63 7.31
C ASP A 199 0.55 6.18 7.14
N ALA A 200 1.01 5.53 6.06
CA ALA A 200 0.96 4.08 5.97
C ALA A 200 2.08 3.49 6.83
N CYS A 201 1.92 2.21 7.19
CA CYS A 201 2.92 1.54 8.04
C CYS A 201 3.00 0.07 7.63
N GLU A 202 3.71 -0.78 8.40
CA GLU A 202 3.99 -2.13 7.96
C GLU A 202 2.68 -2.92 7.83
N GLY A 203 2.53 -3.61 6.69
CA GLY A 203 1.28 -4.33 6.40
C GLY A 203 0.35 -3.57 5.45
N ASP A 204 0.57 -2.25 5.28
CA ASP A 204 -0.27 -1.47 4.36
C ASP A 204 0.35 -1.45 2.95
N SER A 205 1.63 -1.84 2.80
CA SER A 205 2.38 -1.84 1.53
C SER A 205 1.54 -2.54 0.47
N GLY A 206 1.55 -2.04 -0.78
CA GLY A 206 0.77 -2.66 -1.85
C GLY A 206 -0.63 -2.07 -1.99
N GLY A 207 -1.13 -1.44 -0.91
CA GLY A 207 -2.53 -1.00 -0.94
C GLY A 207 -2.66 0.35 -1.63
N PRO A 208 -3.90 0.83 -1.83
CA PRO A 208 -4.14 1.96 -2.71
C PRO A 208 -4.10 3.34 -2.04
N PHE A 209 -3.60 4.33 -2.80
CA PHE A 209 -3.78 5.75 -2.52
C PHE A 209 -4.77 6.19 -3.59
N VAL A 210 -5.97 6.58 -3.18
CA VAL A 210 -7.04 6.92 -4.12
C VAL A 210 -7.42 8.40 -3.99
N MET A 211 -7.96 8.94 -5.08
CA MET A 211 -8.44 10.32 -5.07
C MET A 211 -9.81 10.34 -5.73
N LYS A 212 -10.74 11.19 -5.23
CA LYS A 212 -12.05 11.23 -5.86
C LYS A 212 -12.11 12.39 -6.88
N SER A 213 -12.50 12.09 -8.11
CA SER A 213 -12.67 13.15 -9.09
C SER A 213 -13.98 13.90 -8.82
N PRO A 214 -13.93 15.25 -8.69
CA PRO A 214 -15.17 16.03 -8.60
C PRO A 214 -15.90 16.08 -9.97
N TYR A 215 -15.16 15.83 -11.06
CA TYR A 215 -15.71 15.96 -12.41
C TYR A 215 -16.68 14.83 -12.72
N ASN A 216 -16.38 13.61 -12.25
CA ASN A 216 -17.28 12.51 -12.60
C ASN A 216 -17.68 11.70 -11.36
N ASN A 217 -17.31 12.15 -10.15
CA ASN A 217 -17.83 11.52 -8.95
C ASN A 217 -17.20 10.13 -8.75
N ARG A 218 -16.10 9.82 -9.44
CA ARG A 218 -15.55 8.47 -9.36
C ARG A 218 -14.20 8.47 -8.64
N TRP A 219 -13.89 7.33 -8.00
CA TRP A 219 -12.60 7.16 -7.33
C TRP A 219 -11.55 6.53 -8.24
N TYR A 220 -10.37 7.16 -8.23
CA TYR A 220 -9.22 6.72 -9.01
C TYR A 220 -8.04 6.34 -8.13
N GLN A 221 -7.37 5.24 -8.50
CA GLN A 221 -6.18 4.88 -7.77
C GLN A 221 -4.97 5.54 -8.39
N MET A 222 -4.42 6.53 -7.68
CA MET A 222 -3.28 7.28 -8.19
C MET A 222 -1.97 6.66 -7.72
N GLY A 223 -2.00 5.99 -6.55
CA GLY A 223 -0.74 5.49 -6.03
C GLY A 223 -0.86 4.09 -5.43
N ILE A 224 0.31 3.44 -5.24
CA ILE A 224 0.39 2.18 -4.50
C ILE A 224 1.35 2.43 -3.34
N VAL A 225 0.94 2.05 -2.14
CA VAL A 225 1.87 2.23 -1.00
C VAL A 225 3.17 1.46 -1.26
N SER A 226 4.31 2.16 -1.27
CA SER A 226 5.56 1.55 -1.74
C SER A 226 6.62 1.48 -0.64
N TRP A 227 7.05 2.60 -0.08
CA TRP A 227 8.10 2.53 0.95
C TRP A 227 8.12 3.79 1.81
N GLY A 228 8.71 3.66 3.01
CA GLY A 228 8.81 4.79 3.94
C GLY A 228 10.06 4.58 4.81
N GLU A 229 10.70 5.69 5.24
CA GLU A 229 11.70 5.59 6.31
C GLU A 229 10.95 5.86 7.62
N GLY A 230 10.59 4.78 8.30
CA GLY A 230 9.75 4.79 9.51
C GLY A 230 8.28 4.98 9.11
N CYS A 231 7.40 5.17 10.12
CA CYS A 231 6.00 5.53 9.85
C CYS A 231 5.65 6.79 10.65
N ASP A 232 5.12 7.78 9.95
CA ASP A 232 4.62 8.99 10.57
C ASP A 232 5.72 9.77 11.31
N ARG A 233 6.95 9.74 10.81
CA ARG A 233 7.98 10.55 11.46
C ARG A 233 7.93 11.99 10.97
N ASP A 234 8.16 12.94 11.88
CA ASP A 234 8.16 14.33 11.47
C ASP A 234 9.26 14.60 10.44
N GLY A 235 8.90 15.30 9.36
CA GLY A 235 9.82 15.67 8.31
C GLY A 235 10.12 14.55 7.31
N LYS A 236 9.42 13.40 7.50
CA LYS A 236 9.47 12.29 6.53
C LYS A 236 8.09 12.14 5.90
N TYR A 237 8.07 11.53 4.71
CA TYR A 237 6.82 11.37 3.97
C TYR A 237 6.76 9.93 3.47
N GLY A 238 5.53 9.44 3.27
CA GLY A 238 5.45 8.13 2.63
C GLY A 238 5.58 8.26 1.11
N PHE A 239 6.16 7.21 0.48
CA PHE A 239 6.32 7.16 -0.95
C PHE A 239 5.42 6.09 -1.56
N TYR A 240 4.95 6.42 -2.78
CA TYR A 240 3.88 5.71 -3.50
C TYR A 240 4.33 5.51 -4.94
N THR A 241 4.06 4.32 -5.48
CA THR A 241 4.23 4.11 -6.91
C THR A 241 3.25 5.00 -7.67
N HIS A 242 3.75 5.65 -8.75
CA HIS A 242 2.93 6.59 -9.52
C HIS A 242 2.18 5.77 -10.58
N VAL A 243 0.91 5.45 -10.33
CA VAL A 243 0.19 4.48 -11.15
C VAL A 243 0.08 4.97 -12.59
N PHE A 244 -0.31 6.24 -12.78
CA PHE A 244 -0.51 6.74 -14.13
C PHE A 244 0.77 6.63 -14.97
N ARG A 245 1.92 6.87 -14.35
CA ARG A 245 3.20 6.79 -15.06
C ARG A 245 3.46 5.37 -15.59
N LEU A 246 2.84 4.36 -14.96
CA LEU A 246 3.09 2.97 -15.32
C LEU A 246 1.86 2.33 -16.01
N LYS A 247 0.91 3.14 -16.50
CA LYS A 247 -0.37 2.69 -17.02
C LYS A 247 -0.18 1.93 -18.34
N LYS A 248 0.87 2.29 -19.10
CA LYS A 248 1.11 1.62 -20.37
C LYS A 248 1.44 0.15 -20.12
N TRP A 249 2.23 -0.14 -19.08
CA TRP A 249 2.50 -1.53 -18.74
C TRP A 249 1.24 -2.28 -18.26
N ILE A 250 0.45 -1.69 -17.34
CA ILE A 250 -0.80 -2.30 -16.94
C ILE A 250 -1.66 -2.66 -18.14
N GLN A 251 -1.82 -1.73 -19.08
CA GLN A 251 -2.70 -2.00 -20.22
C GLN A 251 -2.14 -3.13 -21.09
N LYS A 252 -0.82 -3.12 -21.31
CA LYS A 252 -0.14 -4.16 -22.07
C LYS A 252 -0.47 -5.54 -21.49
N VAL A 253 -0.34 -5.68 -20.15
CA VAL A 253 -0.51 -6.98 -19.53
C VAL A 253 -1.95 -7.43 -19.70
N ILE A 254 -2.88 -6.52 -19.43
CA ILE A 254 -4.29 -6.85 -19.37
C ILE A 254 -4.75 -7.19 -20.79
N ASP A 255 -4.22 -6.47 -21.78
CA ASP A 255 -4.71 -6.63 -23.14
C ASP A 255 -4.07 -7.80 -23.87
N ARG A 256 -3.07 -8.45 -23.29
CA ARG A 256 -2.39 -9.55 -23.95
C ARG A 256 -3.39 -10.67 -24.21
N LEU A 257 -3.28 -11.33 -25.39
CA LEU A 257 -4.24 -12.37 -25.79
C LEU A 257 -4.32 -13.51 -24.76
N GLY A 258 -3.18 -13.98 -24.27
CA GLY A 258 -3.23 -15.07 -23.30
C GLY A 258 -3.88 -14.72 -21.95
N SER A 259 -3.94 -13.42 -21.59
CA SER A 259 -4.05 -13.01 -20.19
C SER A 259 -5.47 -13.25 -19.66
N VAL B 1 7.53 -1.50 1.89
CA VAL B 1 8.67 -1.82 2.80
C VAL B 1 8.80 -0.58 3.67
N VAL B 2 8.75 -0.77 5.00
CA VAL B 2 9.05 0.31 5.93
C VAL B 2 10.42 0.01 6.50
N TYR B 3 11.35 0.96 6.35
CA TYR B 3 12.62 0.77 7.03
C TYR B 3 12.44 1.21 8.48
N THR B 4 12.86 0.35 9.43
CA THR B 4 12.74 0.68 10.84
C THR B 4 14.14 0.67 11.46
N ASP B 5 14.26 1.08 12.73
CA ASP B 5 15.61 1.17 13.33
C ASP B 5 16.38 -0.15 13.26
N CYS B 6 17.67 -0.07 12.88
CA CYS B 6 18.56 -1.22 12.96
C CYS B 6 18.64 -1.66 14.43
N THR B 7 18.62 -2.99 14.66
CA THR B 7 18.57 -3.53 16.02
C THR B 7 19.87 -4.29 16.37
N GLU B 8 20.73 -4.55 15.39
CA GLU B 8 22.02 -5.21 15.65
C GLU B 8 23.06 -4.57 14.75
N SER B 9 24.32 -4.50 15.20
CA SER B 9 25.38 -4.02 14.34
C SER B 9 25.51 -4.97 13.17
N GLY B 10 25.85 -4.42 12.00
CA GLY B 10 26.03 -5.20 10.79
C GLY B 10 24.76 -5.33 9.95
N GLN B 11 23.61 -4.90 10.48
CA GLN B 11 22.39 -4.89 9.65
C GLN B 11 22.42 -3.77 8.62
N ASN B 12 21.62 -3.93 7.57
CA ASN B 12 21.33 -2.85 6.64
C ASN B 12 19.84 -2.91 6.26
N LEU B 13 19.44 -2.05 5.33
CA LEU B 13 18.04 -1.80 4.98
C LEU B 13 17.25 -1.58 6.25
N CYS B 14 17.78 -0.63 7.05
CA CYS B 14 17.22 -0.25 8.32
C CYS B 14 17.71 1.16 8.63
N LEU B 15 17.00 1.85 9.53
CA LEU B 15 17.38 3.23 9.85
C LEU B 15 18.57 3.21 10.82
N SEC B 16 19.64 3.88 10.42
CA SEC B 16 20.91 3.82 11.13
C SEC B 16 21.24 5.22 11.66
N GLU B 17 21.61 6.15 10.77
CA GLU B 17 21.90 7.53 11.19
C GLU B 17 20.59 8.30 11.16
N GLY B 18 19.98 8.54 12.34
CA GLY B 18 18.74 9.30 12.36
C GLY B 18 17.66 8.50 11.63
N SER B 19 16.83 9.20 10.85
CA SER B 19 15.76 8.57 10.09
C SER B 19 16.21 8.25 8.66
N ASN B 20 17.49 7.89 8.48
CA ASN B 20 17.97 7.58 7.15
C ASN B 20 18.27 6.08 7.06
N VAL B 21 17.83 5.49 5.95
CA VAL B 21 18.17 4.11 5.64
C VAL B 21 19.68 3.98 5.41
N CYS B 22 20.22 2.88 5.95
CA CYS B 22 21.56 2.43 5.61
C CYS B 22 21.40 1.36 4.53
N GLY B 23 21.73 1.72 3.30
CA GLY B 23 21.34 0.89 2.16
C GLY B 23 22.28 -0.28 1.88
N GLN B 24 21.96 -1.07 0.84
CA GLN B 24 22.84 -2.18 0.47
C GLN B 24 24.20 -1.63 0.08
N GLY B 25 25.26 -2.40 0.37
CA GLY B 25 26.62 -1.93 0.17
C GLY B 25 27.17 -1.22 1.41
N ASN B 26 26.31 -1.10 2.43
CA ASN B 26 26.71 -0.50 3.71
C ASN B 26 26.21 -1.37 4.86
N LYS B 27 26.69 -1.03 6.06
CA LYS B 27 26.24 -1.72 7.25
C LYS B 27 26.22 -0.72 8.42
N SEC B 28 25.38 -1.01 9.42
CA SEC B 28 25.16 -0.10 10.55
C SEC B 28 26.05 -0.53 11.71
N ILE B 29 26.87 0.39 12.24
CA ILE B 29 27.54 0.07 13.48
C ILE B 29 26.75 0.78 14.57
N LEU B 30 26.09 0.02 15.44
CA LEU B 30 25.19 0.63 16.40
C LEU B 30 26.05 1.23 17.50
N GLY B 31 25.78 2.49 17.84
CA GLY B 31 26.47 3.10 18.97
C GLY B 31 25.94 2.54 20.29
N SER B 32 26.86 2.35 21.23
CA SER B 32 26.46 2.09 22.62
C SER B 32 26.06 3.44 23.21
N ASP B 33 25.92 3.47 24.54
CA ASP B 33 25.35 4.65 25.16
C ASP B 33 26.31 5.83 24.99
N GLY B 34 25.76 6.92 24.50
CA GLY B 34 26.54 8.11 24.26
C GLY B 34 27.28 8.09 22.93
N GLU B 35 27.26 6.96 22.19
CA GLU B 35 27.90 6.92 20.87
C GLU B 35 26.85 7.07 19.77
N LYS B 36 27.20 7.70 18.64
CA LYS B 36 26.23 7.76 17.54
C LYS B 36 26.32 6.47 16.75
N ASN B 37 25.22 6.07 16.10
CA ASN B 37 25.33 5.03 15.08
C ASN B 37 26.08 5.57 13.88
N GLN B 38 26.70 4.67 13.10
CA GLN B 38 27.36 5.06 11.88
C GLN B 38 26.99 4.05 10.80
N CYS B 39 26.65 4.60 9.62
CA CYS B 39 26.41 3.75 8.46
C CYS B 39 27.70 3.80 7.63
N VAL B 40 28.40 2.66 7.58
CA VAL B 40 29.70 2.58 6.91
C VAL B 40 29.66 1.64 5.70
N THR B 41 30.56 1.87 4.73
CA THR B 41 30.72 0.97 3.59
C THR B 41 30.99 -0.44 4.09
N GLY B 42 30.33 -1.43 3.49
CA GLY B 42 30.64 -2.80 3.85
C GLY B 42 29.43 -3.69 3.59
N GLU B 43 29.63 -5.00 3.76
CA GLU B 43 28.55 -5.93 3.49
C GLU B 43 27.65 -6.01 4.71
N GLY B 44 26.36 -5.68 4.56
CA GLY B 44 25.43 -5.77 5.67
C GLY B 44 24.41 -6.88 5.46
N THR B 45 23.66 -7.20 6.51
CA THR B 45 22.61 -8.21 6.47
C THR B 45 21.29 -7.49 6.63
N PRO B 46 20.33 -7.61 5.68
CA PRO B 46 19.08 -6.87 5.84
C PRO B 46 18.42 -7.19 7.16
N LYS B 47 17.85 -6.17 7.80
CA LYS B 47 17.07 -6.40 8.99
C LYS B 47 15.88 -7.26 8.55
N PRO B 48 15.62 -8.38 9.22
CA PRO B 48 14.57 -9.30 8.78
C PRO B 48 13.16 -8.71 8.86
N GLN B 49 12.23 -9.23 8.02
CA GLN B 49 10.84 -8.82 8.08
C GLN B 49 10.30 -9.13 9.48
N SER B 50 9.51 -8.19 10.00
CA SER B 50 8.77 -8.31 11.23
C SER B 50 7.66 -9.34 11.09
N HIS B 51 7.26 -9.91 12.23
CA HIS B 51 6.22 -10.92 12.29
C HIS B 51 4.97 -10.41 11.56
N ASN B 52 4.52 -11.15 10.54
CA ASN B 52 3.29 -10.80 9.84
C ASN B 52 2.08 -11.07 10.74
N ASP B 53 1.00 -10.32 10.47
CA ASP B 53 -0.19 -10.43 11.27
C ASP B 53 -0.91 -11.73 10.91
N GLY B 54 -0.84 -12.74 11.81
CA GLY B 54 -1.59 -13.98 11.64
C GLY B 54 -2.76 -14.13 12.63
N ASP B 55 -3.35 -13.01 13.07
CA ASP B 55 -4.37 -13.05 14.12
C ASP B 55 -5.77 -12.90 13.51
N PHE B 56 -6.03 -13.68 12.46
CA PHE B 56 -7.32 -13.68 11.77
C PHE B 56 -7.86 -15.08 11.97
N GLU B 57 -9.18 -15.27 11.84
CA GLU B 57 -9.75 -16.62 11.92
C GLU B 57 -9.26 -17.49 10.75
N GLU B 58 -9.05 -18.78 11.02
CA GLU B 58 -8.59 -19.69 9.98
C GLU B 58 -9.63 -19.74 8.86
N ILE B 59 -9.15 -19.61 7.62
CA ILE B 59 -9.96 -19.72 6.41
C ILE B 59 -10.22 -21.20 6.13
N PRO B 60 -11.39 -21.60 5.59
CA PRO B 60 -11.72 -23.03 5.40
C PRO B 60 -10.86 -23.74 4.34
N GLU B 61 -10.94 -25.07 4.34
CA GLU B 61 -9.98 -25.99 3.70
C GLU B 61 -9.94 -25.86 2.18
N GLU B 62 -11.09 -25.54 1.54
CA GLU B 62 -11.22 -25.39 0.08
C GLU B 62 -10.03 -24.63 -0.50
N TYR B 63 -9.58 -23.61 0.26
CA TYR B 63 -8.49 -22.73 -0.12
C TYR B 63 -7.21 -23.27 0.51
N LEU B 64 -6.57 -24.24 -0.16
CA LEU B 64 -5.61 -25.19 0.40
C LEU B 64 -4.58 -24.47 1.28
N LYS C 13 -12.64 -9.52 -24.06
CA LYS C 13 -12.58 -9.13 -22.62
C LYS C 13 -11.51 -9.96 -21.91
N THR C 14 -10.27 -9.42 -21.90
CA THR C 14 -9.22 -9.94 -21.02
C THR C 14 -9.16 -9.13 -19.73
N PHE C 15 -9.81 -7.95 -19.69
CA PHE C 15 -9.91 -7.15 -18.48
C PHE C 15 -11.04 -7.70 -17.61
N GLY C 16 -12.12 -8.17 -18.26
CA GLY C 16 -13.32 -8.59 -17.56
C GLY C 16 -14.29 -7.44 -17.34
N ALA C 17 -15.39 -7.75 -16.64
CA ALA C 17 -16.40 -6.77 -16.29
C ALA C 17 -15.86 -5.81 -15.24
N GLY C 18 -16.37 -4.56 -15.30
CA GLY C 18 -16.20 -3.67 -14.16
C GLY C 18 -15.70 -2.30 -14.58
N GLU C 19 -15.21 -2.14 -15.83
CA GLU C 19 -14.60 -0.86 -16.13
C GLU C 19 -15.65 0.24 -16.21
N ALA C 20 -16.83 -0.05 -16.75
CA ALA C 20 -17.74 1.05 -17.04
C ALA C 20 -18.29 1.69 -15.77
N ASP C 21 -18.46 0.89 -14.71
CA ASP C 21 -19.01 1.36 -13.44
C ASP C 21 -17.91 1.56 -12.37
N CYS C 22 -16.63 1.54 -12.78
CA CYS C 22 -15.52 1.54 -11.81
C CYS C 22 -15.64 2.79 -10.95
N GLY C 23 -15.24 2.68 -9.68
CA GLY C 23 -15.01 3.89 -8.93
C GLY C 23 -16.27 4.49 -8.31
N LEU C 24 -17.45 3.89 -8.55
CA LEU C 24 -18.70 4.37 -7.94
C LEU C 24 -19.11 3.36 -6.88
N ARG C 25 -19.11 3.76 -5.61
CA ARG C 25 -19.34 2.77 -4.55
C ARG C 25 -20.83 2.49 -4.37
N PRO C 26 -21.24 1.20 -4.29
CA PRO C 26 -22.64 0.86 -4.03
C PRO C 26 -23.25 1.55 -2.82
N LEU C 27 -22.48 1.74 -1.73
CA LEU C 27 -23.08 2.28 -0.53
C LEU C 27 -22.96 3.80 -0.40
N PHE C 28 -22.28 4.43 -1.36
CA PHE C 28 -21.99 5.86 -1.35
C PHE C 28 -22.51 6.50 -2.63
N GLU C 29 -21.68 6.58 -3.68
CA GLU C 29 -22.06 7.27 -4.90
C GLU C 29 -23.38 6.74 -5.45
N LYS C 30 -23.54 5.41 -5.47
CA LYS C 30 -24.72 4.86 -6.12
C LYS C 30 -25.99 5.31 -5.40
N LYS C 31 -25.89 5.65 -4.11
CA LYS C 31 -27.06 6.06 -3.36
C LYS C 31 -27.08 7.57 -3.15
N GLN C 32 -26.17 8.29 -3.80
CA GLN C 32 -25.98 9.73 -3.57
C GLN C 32 -25.75 10.08 -2.09
N VAL C 33 -24.92 9.27 -1.41
CA VAL C 33 -24.64 9.42 0.01
C VAL C 33 -23.14 9.69 0.11
N GLN C 34 -22.75 10.62 0.98
CA GLN C 34 -21.32 10.94 1.11
C GLN C 34 -20.70 10.18 2.30
N ASP C 35 -19.43 9.77 2.17
CA ASP C 35 -18.79 9.17 3.34
C ASP C 35 -18.34 10.27 4.33
N GLN C 36 -17.85 9.86 5.51
CA GLN C 36 -17.63 10.72 6.67
C GLN C 36 -16.50 11.72 6.48
N THR C 37 -15.60 11.51 5.50
CA THR C 37 -14.47 12.42 5.34
C THR C 37 -14.23 12.88 3.91
N GLU C 38 -15.02 12.47 2.93
CA GLU C 38 -14.67 12.84 1.56
C GLU C 38 -14.77 14.37 1.35
N LYS C 39 -15.55 15.06 2.19
CA LYS C 39 -15.61 16.52 2.13
C LYS C 39 -14.23 17.16 2.30
N GLU C 40 -13.40 16.56 3.17
CA GLU C 40 -12.05 17.07 3.41
C GLU C 40 -11.27 17.03 2.09
N LEU C 41 -11.44 15.96 1.30
CA LEU C 41 -10.74 15.86 0.04
C LEU C 41 -11.16 16.97 -0.92
N PHE C 42 -12.46 17.21 -1.06
CA PHE C 42 -12.87 18.27 -1.96
C PHE C 42 -12.46 19.64 -1.45
N GLU C 43 -12.50 19.85 -0.12
CA GLU C 43 -12.02 21.12 0.39
C GLU C 43 -10.57 21.36 -0.05
N SER C 44 -9.72 20.31 -0.05
CA SER C 44 -8.33 20.54 -0.43
C SER C 44 -8.18 20.97 -1.89
N TYR C 45 -9.15 20.65 -2.74
CA TYR C 45 -9.06 21.04 -4.14
C TYR C 45 -9.45 22.52 -4.25
N ILE C 46 -10.39 22.96 -3.42
CA ILE C 46 -11.02 24.28 -3.61
C ILE C 46 -10.33 25.33 -2.73
N GLU C 47 -10.10 24.97 -1.47
CA GLU C 47 -9.81 25.99 -0.47
C GLU C 47 -8.29 26.14 -0.29
C1 NAG D . 11.78 -15.91 -8.87
C2 NAG D . 13.09 -15.63 -9.60
C3 NAG D . 12.83 -15.78 -11.11
C4 NAG D . 12.15 -17.11 -11.50
C5 NAG D . 10.97 -17.43 -10.56
C6 NAG D . 10.49 -18.87 -10.70
C7 NAG D . 14.57 -14.04 -8.40
C8 NAG D . 15.21 -12.65 -8.48
N2 NAG D . 13.66 -14.32 -9.34
O3 NAG D . 14.07 -15.75 -11.82
O4 NAG D . 11.82 -17.09 -12.91
O5 NAG D . 11.33 -17.25 -9.18
O6 NAG D . 9.20 -18.96 -10.09
O7 NAG D . 14.86 -14.81 -7.51
C1 NAG D . 12.00 -17.57 -14.16
C2 NAG D . 13.04 -18.17 -15.13
C3 NAG D . 13.29 -19.65 -14.81
C4 NAG D . 12.01 -20.50 -14.88
C5 NAG D . 10.74 -19.65 -14.73
C6 NAG D . 9.55 -20.45 -14.22
C7 NAG D . 13.39 -18.28 -17.65
C8 NAG D . 12.85 -19.38 -18.52
N2 NAG D . 12.68 -17.95 -16.55
O3 NAG D . 13.87 -19.77 -13.50
O4 NAG D . 11.99 -21.23 -16.12
O5 NAG D . 10.93 -18.51 -13.86
O6 NAG D . 9.87 -21.13 -13.02
O7 NAG D . 14.41 -17.70 -17.98
NA NA E . 5.84 12.52 8.37
#